data_7WMG
#
_entry.id   7WMG
#
_cell.length_a   107.571
_cell.length_b   107.571
_cell.length_c   57.897
_cell.angle_alpha   90.000
_cell.angle_beta   90.000
_cell.angle_gamma   90.000
#
_symmetry.space_group_name_H-M   'P 43 21 2'
#
loop_
_entity.id
_entity.type
_entity.pdbx_description
1 polymer 'Isoform Beta-2 of Thyroid hormone receptor beta'
2 polymer 'Nuclear receptor coactivator 2'
3 non-polymer '2-[[1-methoxy-4-oxidanyl-7-(4-phenoxyphenoxy)isoquinolin-3-yl]carbonylamino]ethanoic acid'
4 water water
#
loop_
_entity_poly.entity_id
_entity_poly.type
_entity_poly.pdbx_seq_one_letter_code
_entity_poly.pdbx_strand_id
1 'polypeptide(L)'
;EELQKSIGHKPEPTDEEWELIKTVTEAHVATNAQGSHWKQKRKFLPEDIGQAPIVNAPEGGKVDLEAFSHFTKIITPAIT
RVVDFAKKLPMFCELPCEDQIILLKGCCMEIMSLRAAVRYDPESETLTLNGEMAVTRGQLKNGGLGVVSDAIFDLGMSLS
SFNLDDTEVALLQAVLLMSSDRPGLACVERIEKYQDSFLLAFEHYINYRKHHVTHFWPKLLMKVTDLRMIGACHASRFLH
MKVECPTELFPPLFLEVFED
;
A
2 'polypeptide(L)' ENALLRYLLDK B
#
loop_
_chem_comp.id
_chem_comp.type
_chem_comp.name
_chem_comp.formula
9IF non-polymer '2-[[1-methoxy-4-oxidanyl-7-(4-phenoxyphenoxy)isoquinolin-3-yl]carbonylamino]ethanoic acid' 'C25 H20 N2 O7'
#
# COMPACT_ATOMS: atom_id res chain seq x y z
N LYS A 10 -11.63 -19.33 19.21
CA LYS A 10 -11.04 -18.33 18.28
C LYS A 10 -9.52 -18.38 18.40
N PRO A 11 -8.78 -19.00 17.44
CA PRO A 11 -7.33 -19.14 17.57
C PRO A 11 -6.63 -17.78 17.55
N GLU A 12 -5.65 -17.59 18.44
CA GLU A 12 -4.92 -16.31 18.65
C GLU A 12 -3.47 -16.52 18.26
N PRO A 13 -2.68 -15.42 18.09
CA PRO A 13 -1.34 -15.54 17.52
C PRO A 13 -0.44 -16.45 18.36
N THR A 14 0.22 -17.40 17.68
CA THR A 14 1.32 -18.24 18.22
C THR A 14 2.49 -17.28 18.51
N ASP A 15 3.50 -17.73 19.26
CA ASP A 15 4.68 -16.87 19.60
C ASP A 15 5.41 -16.47 18.33
N GLU A 16 5.45 -17.36 17.32
CA GLU A 16 6.21 -17.16 16.05
C GLU A 16 5.50 -16.09 15.21
N GLU A 17 4.18 -15.99 15.36
CA GLU A 17 3.32 -15.00 14.66
C GLU A 17 3.50 -13.61 15.31
N TRP A 18 3.63 -13.55 16.64
CA TRP A 18 3.93 -12.29 17.39
C TRP A 18 5.25 -11.69 16.89
N GLU A 19 6.22 -12.55 16.52
CA GLU A 19 7.55 -12.13 16.01
C GLU A 19 7.39 -11.57 14.60
N LEU A 20 6.64 -12.27 13.75
CA LEU A 20 6.27 -11.84 12.38
C LEU A 20 5.49 -10.53 12.46
N ILE A 21 4.63 -10.40 13.47
CA ILE A 21 3.78 -9.20 13.72
C ILE A 21 4.67 -8.03 14.13
N LYS A 22 5.60 -8.27 15.06
CA LYS A 22 6.63 -7.28 15.49
C LYS A 22 7.38 -6.78 14.26
N THR A 23 7.86 -7.72 13.42
CA THR A 23 8.72 -7.45 12.25
C THR A 23 7.96 -6.57 11.24
N VAL A 24 6.71 -6.93 10.95
CA VAL A 24 5.89 -6.27 9.89
C VAL A 24 5.41 -4.90 10.41
N THR A 25 4.95 -4.82 11.67
CA THR A 25 4.50 -3.55 12.29
C THR A 25 5.66 -2.54 12.32
N GLU A 26 6.85 -2.99 12.71
CA GLU A 26 8.03 -2.10 12.92
C GLU A 26 8.55 -1.59 11.57
N ALA A 27 8.52 -2.43 10.54
CA ALA A 27 8.96 -2.07 9.17
C ALA A 27 7.99 -1.05 8.57
N HIS A 28 6.69 -1.18 8.89
CA HIS A 28 5.61 -0.25 8.46
C HIS A 28 5.82 1.13 9.09
N VAL A 29 5.86 1.21 10.43
CA VAL A 29 5.92 2.50 11.18
C VAL A 29 7.24 3.21 10.84
N ALA A 30 8.30 2.45 10.57
CA ALA A 30 9.64 2.95 10.17
C ALA A 30 9.56 3.64 8.81
N THR A 31 8.61 3.23 7.96
CA THR A 31 8.50 3.65 6.54
C THR A 31 7.18 4.39 6.27
N ASN A 32 6.44 4.73 7.33
CA ASN A 32 5.16 5.49 7.22
C ASN A 32 5.44 6.95 7.59
N ALA A 33 5.07 7.88 6.71
CA ALA A 33 5.32 9.34 6.84
C ALA A 33 4.58 9.90 8.06
N GLN A 34 5.29 10.68 8.89
CA GLN A 34 4.79 11.31 10.14
C GLN A 34 3.59 10.54 10.69
N SER A 36 0.86 9.95 14.30
CA SER A 36 0.26 11.04 15.13
C SER A 36 0.61 12.41 14.53
N HIS A 37 1.87 12.63 14.17
CA HIS A 37 2.37 13.90 13.59
C HIS A 37 1.78 14.08 12.17
N LYS A 39 -1.37 14.56 11.21
CA LYS A 39 -2.44 15.57 11.38
C LYS A 39 -1.86 16.93 11.74
N GLN A 40 -0.74 16.93 12.46
CA GLN A 40 -0.07 18.16 12.99
C GLN A 40 0.72 18.81 11.85
N LYS A 41 1.21 18.00 10.90
CA LYS A 41 2.03 18.45 9.75
C LYS A 41 1.17 18.58 8.48
N ARG A 42 -0.15 18.49 8.58
CA ARG A 42 -1.06 18.47 7.41
C ARG A 42 -1.06 19.83 6.71
N LYS A 43 -1.44 19.85 5.43
CA LYS A 43 -1.32 21.02 4.52
C LYS A 43 -2.69 21.69 4.34
N PHE A 44 -3.70 20.93 3.91
CA PHE A 44 -5.04 21.42 3.48
C PHE A 44 -4.88 22.40 2.33
N LEU A 45 -4.29 21.93 1.22
CA LEU A 45 -4.03 22.74 -0.01
C LEU A 45 -5.34 23.38 -0.47
N ASP A 64 -5.87 17.75 -16.56
CA ASP A 64 -4.86 18.78 -16.93
C ASP A 64 -3.48 18.34 -16.41
N LEU A 65 -2.51 18.18 -17.31
CA LEU A 65 -1.14 17.72 -16.98
C LEU A 65 -0.41 18.75 -16.11
N GLU A 66 -0.99 19.94 -15.91
CA GLU A 66 -0.43 20.98 -15.01
C GLU A 66 -0.85 20.70 -13.56
N ALA A 67 -1.71 19.72 -13.32
CA ALA A 67 -2.05 19.21 -11.97
C ALA A 67 -1.52 17.78 -11.80
N PHE A 68 -1.47 17.01 -12.89
CA PHE A 68 -0.82 15.67 -12.92
C PHE A 68 0.65 15.82 -12.52
N SER A 69 1.33 16.79 -13.15
CA SER A 69 2.77 17.10 -12.93
C SER A 69 3.01 17.40 -11.45
N HIS A 70 2.17 18.25 -10.85
CA HIS A 70 2.33 18.71 -9.45
C HIS A 70 1.98 17.59 -8.46
N PHE A 71 1.27 16.56 -8.91
CA PHE A 71 0.95 15.36 -8.09
C PHE A 71 2.06 14.32 -8.23
N THR A 72 2.36 13.92 -9.47
CA THR A 72 3.40 12.90 -9.76
C THR A 72 4.73 13.33 -9.12
N LYS A 73 4.95 14.64 -8.94
CA LYS A 73 6.18 15.18 -8.30
C LYS A 73 6.28 14.65 -6.86
N ILE A 74 5.15 14.50 -6.14
CA ILE A 74 5.14 14.12 -4.71
C ILE A 74 4.96 12.59 -4.54
N ILE A 75 4.93 11.81 -5.63
CA ILE A 75 4.78 10.33 -5.53
C ILE A 75 6.15 9.70 -5.22
N THR A 76 7.26 10.31 -5.64
CA THR A 76 8.61 9.68 -5.59
C THR A 76 8.98 9.31 -4.14
N PRO A 77 8.75 10.16 -3.10
CA PRO A 77 8.97 9.74 -1.72
C PRO A 77 8.08 8.57 -1.28
N ALA A 78 6.81 8.55 -1.71
CA ALA A 78 5.82 7.51 -1.38
C ALA A 78 6.26 6.15 -1.94
N ILE A 79 6.76 6.12 -3.18
CA ILE A 79 7.25 4.86 -3.83
C ILE A 79 8.43 4.32 -3.01
N THR A 80 9.36 5.20 -2.62
CA THR A 80 10.60 4.84 -1.88
C THR A 80 10.24 4.19 -0.55
N ARG A 81 9.29 4.77 0.18
CA ARG A 81 8.82 4.27 1.50
C ARG A 81 8.30 2.83 1.35
N VAL A 82 7.59 2.54 0.25
CA VAL A 82 7.04 1.18 -0.02
C VAL A 82 8.20 0.21 -0.24
N VAL A 83 9.20 0.62 -1.04
CA VAL A 83 10.45 -0.16 -1.28
C VAL A 83 11.12 -0.40 0.07
N ASP A 84 11.20 0.66 0.90
CA ASP A 84 11.91 0.64 2.21
C ASP A 84 11.22 -0.36 3.14
N PHE A 85 9.88 -0.34 3.20
CA PHE A 85 9.05 -1.29 3.99
C PHE A 85 9.37 -2.73 3.56
N ALA A 86 9.29 -2.98 2.25
CA ALA A 86 9.53 -4.31 1.62
C ALA A 86 10.94 -4.79 1.93
N LYS A 87 11.92 -3.87 1.92
CA LYS A 87 13.36 -4.18 2.21
C LYS A 87 13.55 -4.52 3.69
N LYS A 88 12.75 -3.91 4.57
CA LYS A 88 12.80 -4.15 6.04
C LYS A 88 12.02 -5.42 6.39
N LEU A 89 11.67 -6.24 5.39
CA LEU A 89 10.96 -7.53 5.56
C LEU A 89 11.85 -8.67 5.06
N PRO A 90 12.57 -9.37 5.97
CA PRO A 90 13.50 -10.44 5.59
C PRO A 90 13.09 -11.39 4.46
N MET A 91 11.85 -11.89 4.49
CA MET A 91 11.33 -12.91 3.53
C MET A 91 11.44 -12.36 2.10
N PHE A 92 11.28 -11.05 1.93
CA PHE A 92 11.33 -10.32 0.64
C PHE A 92 12.79 -10.18 0.19
N CYS A 93 13.69 -9.96 1.15
CA CYS A 93 15.15 -9.80 0.90
C CYS A 93 15.76 -11.14 0.50
N GLU A 94 15.06 -12.25 0.78
CA GLU A 94 15.48 -13.63 0.44
C GLU A 94 15.05 -13.98 -1.00
N LEU A 95 14.20 -13.17 -1.64
CA LEU A 95 13.75 -13.41 -3.05
C LEU A 95 14.76 -12.79 -4.01
N PRO A 96 14.92 -13.36 -5.24
CA PRO A 96 15.75 -12.75 -6.27
C PRO A 96 15.17 -11.40 -6.71
N CYS A 97 16.04 -10.43 -7.01
CA CYS A 97 15.66 -9.01 -7.25
C CYS A 97 14.67 -8.89 -8.42
N GLU A 98 14.70 -9.82 -9.38
CA GLU A 98 13.75 -9.84 -10.53
C GLU A 98 12.34 -10.12 -10.00
N ASP A 99 12.21 -10.96 -8.96
CA ASP A 99 10.92 -11.20 -8.25
C ASP A 99 10.59 -9.98 -7.38
N GLN A 100 11.58 -9.42 -6.66
CA GLN A 100 11.42 -8.20 -5.82
C GLN A 100 10.79 -7.07 -6.65
N ILE A 101 11.21 -6.90 -7.91
CA ILE A 101 10.78 -5.78 -8.80
C ILE A 101 9.32 -6.00 -9.21
N ILE A 102 9.00 -7.19 -9.71
CA ILE A 102 7.62 -7.59 -10.14
C ILE A 102 6.66 -7.36 -8.97
N LEU A 103 7.07 -7.77 -7.77
CA LEU A 103 6.26 -7.71 -6.52
C LEU A 103 6.01 -6.24 -6.13
N LEU A 104 6.98 -5.35 -6.34
CA LEU A 104 6.92 -3.92 -5.91
C LEU A 104 6.07 -3.11 -6.90
N LYS A 105 6.30 -3.28 -8.20
CA LYS A 105 5.46 -2.71 -9.28
C LYS A 105 4.00 -3.11 -9.04
N GLY A 106 3.78 -4.31 -8.47
CA GLY A 106 2.46 -4.90 -8.24
C GLY A 106 1.70 -4.29 -7.08
N CYS A 107 2.38 -3.82 -6.02
CA CYS A 107 1.73 -3.46 -4.73
C CYS A 107 1.88 -1.98 -4.34
N CYS A 108 2.72 -1.21 -5.03
CA CYS A 108 3.01 0.21 -4.69
C CYS A 108 1.69 0.99 -4.57
N MET A 109 0.95 1.14 -5.67
CA MET A 109 -0.31 1.92 -5.71
C MET A 109 -1.25 1.38 -4.62
N GLU A 110 -1.33 0.04 -4.51
CA GLU A 110 -2.19 -0.66 -3.51
C GLU A 110 -1.85 -0.14 -2.11
N ILE A 111 -0.56 -0.09 -1.77
CA ILE A 111 -0.06 0.24 -0.39
C ILE A 111 -0.21 1.74 -0.15
N MET A 112 0.18 2.57 -1.13
CA MET A 112 0.03 4.04 -1.07
C MET A 112 -1.45 4.39 -0.87
N SER A 113 -2.35 3.72 -1.61
CA SER A 113 -3.82 3.92 -1.55
C SER A 113 -4.34 3.54 -0.15
N LEU A 114 -3.88 2.41 0.38
CA LEU A 114 -4.25 1.93 1.75
C LEU A 114 -3.76 2.95 2.78
N ARG A 115 -2.52 3.42 2.64
CA ARG A 115 -1.86 4.34 3.60
C ARG A 115 -2.57 5.70 3.59
N ALA A 116 -3.19 6.08 2.48
CA ALA A 116 -3.93 7.36 2.32
C ALA A 116 -5.36 7.23 2.84
N ALA A 117 -6.00 6.06 2.66
CA ALA A 117 -7.42 5.81 2.99
C ALA A 117 -7.61 5.72 4.50
N VAL A 118 -6.58 5.23 5.21
CA VAL A 118 -6.58 5.05 6.69
C VAL A 118 -6.22 6.38 7.37
N ARG A 119 -5.97 7.43 6.56
CA ARG A 119 -5.72 8.81 7.01
C ARG A 119 -6.84 9.71 6.46
N TYR A 120 -8.05 9.16 6.45
CA TYR A 120 -9.28 9.87 6.01
C TYR A 120 -9.87 10.62 7.22
N ASP A 121 -10.10 11.92 7.06
CA ASP A 121 -10.74 12.78 8.10
C ASP A 121 -12.18 13.05 7.69
N PRO A 122 -13.19 12.43 8.34
CA PRO A 122 -14.59 12.68 8.04
C PRO A 122 -14.99 14.17 8.07
N GLU A 123 -14.35 14.98 8.92
CA GLU A 123 -14.68 16.41 9.16
C GLU A 123 -14.30 17.25 7.94
N SER A 124 -13.03 17.19 7.51
CA SER A 124 -12.49 17.91 6.33
C SER A 124 -12.85 17.17 5.04
N GLU A 125 -13.26 15.89 5.16
CA GLU A 125 -13.49 14.95 4.04
C GLU A 125 -12.28 14.98 3.10
N THR A 126 -11.10 14.65 3.65
CA THR A 126 -9.81 14.57 2.92
C THR A 126 -9.10 13.26 3.24
N LEU A 127 -8.25 12.82 2.32
CA LEU A 127 -7.13 11.90 2.57
C LEU A 127 -5.86 12.75 2.74
N THR A 128 -4.87 12.23 3.46
CA THR A 128 -3.57 12.91 3.70
C THR A 128 -2.47 12.15 2.97
N LEU A 129 -1.89 12.77 1.95
CA LEU A 129 -0.86 12.16 1.08
C LEU A 129 0.53 12.48 1.64
N ASN A 130 1.49 11.62 1.34
CA ASN A 130 2.90 11.72 1.78
C ASN A 130 2.93 11.90 3.30
N GLY A 131 3.87 12.71 3.81
CA GLY A 131 3.87 13.17 5.20
C GLY A 131 2.52 13.71 5.60
N GLU A 132 2.08 14.79 4.96
CA GLU A 132 0.82 15.47 5.33
C GLU A 132 0.48 16.55 4.29
N MET A 133 -0.06 16.12 3.14
CA MET A 133 -0.75 16.99 2.14
C MET A 133 -2.20 16.51 2.04
N ALA A 134 -3.13 17.21 2.69
CA ALA A 134 -4.57 16.81 2.73
C ALA A 134 -5.22 17.13 1.38
N VAL A 135 -5.61 16.10 0.64
CA VAL A 135 -6.19 16.22 -0.73
C VAL A 135 -7.70 15.92 -0.66
N THR A 136 -8.46 16.48 -1.59
CA THR A 136 -9.93 16.30 -1.73
C THR A 136 -10.20 15.37 -2.91
N ARG A 137 -11.39 14.77 -2.94
CA ARG A 137 -11.83 13.82 -4.00
C ARG A 137 -11.66 14.47 -5.37
N GLY A 138 -12.03 15.75 -5.51
CA GLY A 138 -11.92 16.53 -6.76
C GLY A 138 -10.47 16.78 -7.15
N GLN A 139 -9.65 17.24 -6.20
CA GLN A 139 -8.20 17.55 -6.41
C GLN A 139 -7.49 16.30 -6.93
N LEU A 140 -7.73 15.16 -6.30
CA LEU A 140 -7.08 13.85 -6.63
C LEU A 140 -7.62 13.35 -7.98
N LYS A 141 -8.91 13.56 -8.27
CA LYS A 141 -9.51 13.26 -9.60
C LYS A 141 -8.76 14.09 -10.65
N ASN A 142 -8.52 15.37 -10.35
CA ASN A 142 -7.86 16.35 -11.27
C ASN A 142 -6.35 16.07 -11.35
N GLY A 143 -5.81 15.29 -10.42
CA GLY A 143 -4.41 14.79 -10.45
C GLY A 143 -4.23 13.59 -11.35
N GLY A 144 -5.31 13.07 -11.95
CA GLY A 144 -5.27 12.07 -13.03
C GLY A 144 -5.67 10.67 -12.58
N LEU A 145 -6.16 10.51 -11.34
CA LEU A 145 -6.57 9.19 -10.80
C LEU A 145 -7.95 8.81 -11.37
N GLY A 146 -8.78 9.79 -11.71
CA GLY A 146 -10.12 9.57 -12.30
C GLY A 146 -11.05 8.87 -11.33
N VAL A 147 -11.51 7.67 -11.66
CA VAL A 147 -12.52 6.92 -10.85
C VAL A 147 -11.84 6.30 -9.63
N VAL A 148 -10.51 6.19 -9.64
CA VAL A 148 -9.68 5.58 -8.55
C VAL A 148 -9.72 6.51 -7.32
N SER A 149 -10.02 7.79 -7.51
CA SER A 149 -10.18 8.79 -6.41
C SER A 149 -11.41 8.41 -5.56
N ASP A 150 -12.57 8.25 -6.20
CA ASP A 150 -13.83 7.84 -5.54
C ASP A 150 -13.60 6.48 -4.85
N ALA A 151 -12.86 5.59 -5.51
CA ALA A 151 -12.51 4.23 -5.02
C ALA A 151 -11.81 4.31 -3.66
N ILE A 152 -10.72 5.08 -3.58
CA ILE A 152 -9.86 5.21 -2.37
C ILE A 152 -10.65 6.00 -1.31
N PHE A 153 -11.40 7.04 -1.72
CA PHE A 153 -12.26 7.85 -0.83
C PHE A 153 -13.34 6.98 -0.19
N ASP A 154 -14.00 6.12 -0.98
CA ASP A 154 -15.05 5.20 -0.47
C ASP A 154 -14.41 4.16 0.46
N LEU A 155 -13.21 3.69 0.11
CA LEU A 155 -12.41 2.75 0.94
C LEU A 155 -12.12 3.39 2.30
N GLY A 156 -11.50 4.57 2.29
CA GLY A 156 -11.18 5.35 3.50
C GLY A 156 -12.40 5.53 4.39
N MET A 157 -13.54 5.87 3.79
CA MET A 157 -14.82 6.10 4.50
C MET A 157 -15.30 4.80 5.16
N SER A 158 -15.12 3.66 4.49
CA SER A 158 -15.53 2.32 5.00
C SER A 158 -14.53 1.84 6.07
N LEU A 159 -13.28 2.31 6.01
CA LEU A 159 -12.17 1.84 6.90
C LEU A 159 -12.18 2.58 8.24
N SER A 160 -12.96 3.67 8.37
CA SER A 160 -13.11 4.46 9.62
C SER A 160 -13.60 3.58 10.77
N SER A 161 -14.67 2.79 10.51
CA SER A 161 -15.35 1.93 11.51
C SER A 161 -14.54 0.64 11.75
N PHE A 162 -13.44 0.44 11.02
CA PHE A 162 -12.58 -0.77 11.10
C PHE A 162 -11.50 -0.59 12.18
N ASN A 163 -11.13 0.66 12.46
CA ASN A 163 -10.15 1.06 13.49
C ASN A 163 -8.91 0.17 13.38
N LEU A 164 -8.28 0.19 12.21
CA LEU A 164 -7.08 -0.62 11.91
C LEU A 164 -5.86 0.04 12.54
N ASP A 165 -5.15 -0.69 13.40
CA ASP A 165 -3.90 -0.21 14.04
C ASP A 165 -2.74 -0.44 13.07
N ASP A 166 -1.56 0.09 13.40
CA ASP A 166 -0.33 0.02 12.57
C ASP A 166 -0.01 -1.45 12.23
N THR A 167 -0.33 -2.40 13.13
CA THR A 167 -0.08 -3.85 12.93
C THR A 167 -0.97 -4.37 11.80
N GLU A 168 -2.25 -4.02 11.83
CA GLU A 168 -3.28 -4.48 10.86
C GLU A 168 -3.01 -3.91 9.46
N VAL A 169 -2.56 -2.65 9.39
CA VAL A 169 -2.22 -1.96 8.12
C VAL A 169 -0.98 -2.63 7.51
N ALA A 170 0.00 -2.97 8.35
CA ALA A 170 1.31 -3.53 7.94
C ALA A 170 1.13 -4.95 7.39
N LEU A 171 0.19 -5.71 7.96
CA LEU A 171 -0.08 -7.12 7.58
C LEU A 171 -0.90 -7.16 6.28
N LEU A 172 -1.74 -6.15 6.04
CA LEU A 172 -2.43 -5.96 4.74
C LEU A 172 -1.38 -5.71 3.65
N GLN A 173 -0.44 -4.80 3.93
CA GLN A 173 0.66 -4.43 3.01
C GLN A 173 1.47 -5.68 2.65
N ALA A 174 1.67 -6.59 3.61
CA ALA A 174 2.47 -7.82 3.44
C ALA A 174 1.70 -8.84 2.60
N VAL A 175 0.37 -8.95 2.80
CA VAL A 175 -0.53 -9.84 2.02
C VAL A 175 -0.52 -9.39 0.56
N LEU A 176 -0.69 -8.08 0.32
CA LEU A 176 -0.62 -7.46 -1.03
C LEU A 176 0.76 -7.69 -1.66
N LEU A 177 1.82 -7.35 -0.92
CA LEU A 177 3.23 -7.43 -1.39
C LEU A 177 3.54 -8.85 -1.87
N MET A 178 3.26 -9.86 -1.02
CA MET A 178 3.54 -11.29 -1.33
C MET A 178 2.36 -11.87 -2.13
N SER A 179 2.25 -11.47 -3.41
CA SER A 179 1.23 -11.99 -4.35
C SER A 179 1.92 -12.77 -5.47
N SER A 180 1.52 -14.02 -5.68
CA SER A 180 2.13 -14.95 -6.66
C SER A 180 1.36 -14.91 -7.99
N ASP A 181 0.18 -14.29 -8.00
CA ASP A 181 -0.67 -14.12 -9.21
C ASP A 181 -0.04 -13.10 -10.16
N ARG A 182 1.17 -12.61 -9.83
CA ARG A 182 1.87 -11.55 -10.60
C ARG A 182 2.67 -12.19 -11.72
N PRO A 183 2.54 -11.67 -12.96
CA PRO A 183 3.21 -12.25 -14.13
C PRO A 183 4.74 -12.11 -14.13
N GLY A 184 5.45 -13.19 -14.45
CA GLY A 184 6.91 -13.22 -14.65
C GLY A 184 7.66 -13.72 -13.43
N LEU A 185 6.94 -14.09 -12.36
CA LEU A 185 7.56 -14.53 -11.08
C LEU A 185 8.20 -15.91 -11.27
N ALA A 186 9.25 -16.18 -10.50
CA ALA A 186 10.04 -17.44 -10.53
C ALA A 186 9.72 -18.30 -9.30
N CYS A 187 9.61 -17.69 -8.12
CA CYS A 187 9.42 -18.39 -6.81
C CYS A 187 7.95 -18.29 -6.37
N VAL A 188 7.02 -18.67 -7.26
CA VAL A 188 5.55 -18.59 -7.01
C VAL A 188 5.21 -19.34 -5.71
N GLU A 189 5.86 -20.48 -5.48
CA GLU A 189 5.53 -21.41 -4.37
C GLU A 189 5.99 -20.80 -3.04
N ARG A 190 7.20 -20.22 -3.01
CA ARG A 190 7.77 -19.57 -1.81
C ARG A 190 6.93 -18.35 -1.42
N ILE A 191 6.45 -17.59 -2.42
CA ILE A 191 5.70 -16.32 -2.21
C ILE A 191 4.32 -16.65 -1.61
N GLU A 192 3.64 -17.66 -2.14
CA GLU A 192 2.32 -18.13 -1.64
C GLU A 192 2.44 -18.58 -0.18
N LYS A 193 3.57 -19.21 0.18
CA LYS A 193 3.90 -19.65 1.56
C LYS A 193 3.95 -18.43 2.48
N TYR A 194 4.75 -17.43 2.11
CA TYR A 194 4.93 -16.17 2.88
C TYR A 194 3.56 -15.53 3.10
N GLN A 195 2.73 -15.48 2.06
CA GLN A 195 1.39 -14.85 2.11
C GLN A 195 0.48 -15.63 3.07
N ASP A 196 0.55 -16.97 3.05
CA ASP A 196 -0.28 -17.84 3.91
C ASP A 196 0.12 -17.62 5.37
N SER A 197 1.41 -17.38 5.63
CA SER A 197 1.95 -17.01 6.96
C SER A 197 1.31 -15.69 7.44
N PHE A 198 1.52 -14.63 6.68
CA PHE A 198 0.99 -13.26 6.95
C PHE A 198 -0.52 -13.34 7.15
N LEU A 199 -1.22 -14.06 6.26
CA LEU A 199 -2.71 -14.19 6.28
C LEU A 199 -3.17 -14.83 7.59
N LEU A 200 -2.46 -15.86 8.07
CA LEU A 200 -2.85 -16.61 9.28
C LEU A 200 -2.51 -15.80 10.53
N ALA A 201 -1.29 -15.27 10.62
CA ALA A 201 -0.86 -14.38 11.72
C ALA A 201 -1.85 -13.22 11.84
N PHE A 202 -2.32 -12.71 10.71
CA PHE A 202 -3.25 -11.54 10.60
C PHE A 202 -4.60 -11.91 11.20
N GLU A 203 -5.19 -13.02 10.74
CA GLU A 203 -6.51 -13.52 11.21
C GLU A 203 -6.47 -13.73 12.73
N HIS A 204 -5.38 -14.30 13.25
CA HIS A 204 -5.19 -14.62 14.68
C HIS A 204 -5.13 -13.33 15.50
N TYR A 205 -4.53 -12.29 14.94
CA TYR A 205 -4.44 -10.94 15.55
C TYR A 205 -5.84 -10.31 15.60
N ILE A 206 -6.62 -10.47 14.52
CA ILE A 206 -8.03 -9.96 14.40
C ILE A 206 -8.90 -10.71 15.42
N ASN A 207 -8.58 -11.98 15.68
CA ASN A 207 -9.21 -12.84 16.71
C ASN A 207 -8.89 -12.30 18.10
N TYR A 208 -7.60 -12.05 18.36
CA TYR A 208 -7.08 -11.46 19.63
C TYR A 208 -7.70 -10.07 19.86
N ARG A 209 -7.89 -9.31 18.78
CA ARG A 209 -8.24 -7.86 18.81
C ARG A 209 -9.72 -7.66 19.12
N LYS A 210 -10.58 -8.56 18.62
CA LYS A 210 -12.05 -8.56 18.91
C LYS A 210 -12.63 -7.16 18.62
N HIS A 211 -12.54 -6.73 17.37
CA HIS A 211 -13.24 -5.53 16.83
C HIS A 211 -14.74 -5.73 16.99
N HIS A 212 -15.51 -4.65 17.16
CA HIS A 212 -16.97 -4.66 17.44
C HIS A 212 -17.76 -4.79 16.14
N VAL A 213 -17.07 -4.83 14.99
CA VAL A 213 -17.65 -5.09 13.64
C VAL A 213 -17.84 -6.59 13.49
N THR A 214 -18.90 -7.01 12.81
CA THR A 214 -19.30 -8.43 12.58
C THR A 214 -18.68 -8.91 11.26
N HIS A 215 -18.32 -10.20 11.16
CA HIS A 215 -17.67 -10.80 9.97
C HIS A 215 -16.43 -10.00 9.59
N PHE A 216 -15.63 -9.59 10.58
CA PHE A 216 -14.49 -8.65 10.39
C PHE A 216 -13.46 -9.25 9.43
N TRP A 217 -13.17 -10.55 9.54
CA TRP A 217 -12.13 -11.22 8.72
C TRP A 217 -12.60 -11.34 7.27
N PRO A 218 -13.81 -11.89 7.00
CA PRO A 218 -14.39 -11.83 5.65
C PRO A 218 -14.49 -10.43 5.05
N LYS A 219 -14.65 -9.40 5.89
CA LYS A 219 -14.82 -7.99 5.44
C LYS A 219 -13.46 -7.42 5.02
N LEU A 220 -12.36 -7.84 5.65
CA LEU A 220 -10.99 -7.39 5.29
C LEU A 220 -10.55 -8.03 3.96
N LEU A 221 -10.92 -9.29 3.72
CA LEU A 221 -10.57 -10.01 2.46
C LEU A 221 -11.22 -9.28 1.28
N MET A 222 -12.34 -8.60 1.52
CA MET A 222 -13.07 -7.79 0.51
C MET A 222 -12.34 -6.47 0.27
N LYS A 223 -11.80 -5.86 1.32
CA LYS A 223 -11.00 -4.61 1.19
C LYS A 223 -9.66 -4.95 0.53
N VAL A 224 -9.17 -6.19 0.63
CA VAL A 224 -7.95 -6.62 -0.11
C VAL A 224 -8.31 -6.64 -1.60
N THR A 225 -9.44 -7.24 -1.95
CA THR A 225 -10.00 -7.20 -3.33
C THR A 225 -10.20 -5.74 -3.74
N ASP A 226 -10.79 -4.92 -2.86
CA ASP A 226 -11.04 -3.47 -3.14
C ASP A 226 -9.71 -2.82 -3.51
N LEU A 227 -8.68 -3.04 -2.69
CA LEU A 227 -7.31 -2.50 -2.89
C LEU A 227 -6.71 -3.06 -4.19
N ARG A 228 -6.85 -4.36 -4.42
CA ARG A 228 -6.24 -5.07 -5.58
C ARG A 228 -6.81 -4.54 -6.90
N MET A 229 -8.10 -4.17 -6.91
CA MET A 229 -8.82 -3.64 -8.10
C MET A 229 -8.26 -2.27 -8.47
N ILE A 230 -7.93 -1.45 -7.47
CA ILE A 230 -7.31 -0.10 -7.64
C ILE A 230 -5.99 -0.25 -8.39
N GLY A 231 -5.18 -1.26 -8.02
CA GLY A 231 -3.86 -1.53 -8.63
C GLY A 231 -3.96 -2.35 -9.90
N ALA A 232 -5.17 -2.80 -10.27
CA ALA A 232 -5.45 -3.49 -11.56
C ALA A 232 -5.80 -2.45 -12.63
N CYS A 233 -6.14 -1.22 -12.22
CA CYS A 233 -6.40 -0.06 -13.11
C CYS A 233 -5.09 0.69 -13.39
N HIS A 234 -3.98 -0.04 -13.56
CA HIS A 234 -2.62 0.54 -13.74
C HIS A 234 -2.45 1.03 -15.18
N ALA A 235 -3.33 0.63 -16.11
CA ALA A 235 -3.38 1.17 -17.47
C ALA A 235 -4.27 2.41 -17.48
N SER A 236 -4.96 2.69 -16.37
CA SER A 236 -5.88 3.84 -16.20
C SER A 236 -5.52 4.62 -14.93
N PHE A 238 -2.86 5.08 -16.52
CA PHE A 238 -1.55 5.62 -16.92
C PHE A 238 -1.22 5.24 -18.37
N LEU A 239 -1.22 3.95 -18.70
CA LEU A 239 -0.79 3.44 -20.04
C LEU A 239 -1.54 4.19 -21.15
N HIS A 240 -2.85 4.41 -20.98
CA HIS A 240 -3.69 5.18 -21.94
C HIS A 240 -3.39 6.67 -21.78
N MET A 241 -3.32 7.16 -20.54
CA MET A 241 -3.09 8.60 -20.21
C MET A 241 -1.59 8.89 -20.09
N LYS A 242 -0.77 8.28 -20.96
CA LYS A 242 0.71 8.47 -20.99
C LYS A 242 1.01 9.98 -20.96
N PRO A 246 5.05 14.51 -22.72
CA PRO A 246 4.87 13.05 -22.91
C PRO A 246 5.37 12.26 -21.68
N THR A 247 6.37 11.38 -21.88
CA THR A 247 6.89 10.45 -20.85
C THR A 247 7.89 11.17 -19.93
N GLU A 248 8.77 12.01 -20.48
CA GLU A 248 9.79 12.78 -19.72
C GLU A 248 9.14 13.84 -18.82
N LEU A 249 7.81 14.02 -18.92
CA LEU A 249 7.05 14.97 -18.06
C LEU A 249 6.65 14.26 -16.75
N PHE A 250 7.08 13.00 -16.60
CA PHE A 250 6.74 12.13 -15.45
C PHE A 250 8.01 11.73 -14.71
N PRO A 251 8.00 11.80 -13.36
CA PRO A 251 9.11 11.30 -12.54
C PRO A 251 9.53 9.89 -12.93
N PRO A 252 10.85 9.60 -12.93
CA PRO A 252 11.36 8.29 -13.34
C PRO A 252 10.81 7.09 -12.54
N LEU A 253 10.64 7.19 -11.22
CA LEU A 253 10.18 6.06 -10.38
C LEU A 253 8.69 5.77 -10.67
N PHE A 254 7.92 6.82 -10.99
CA PHE A 254 6.51 6.73 -11.41
C PHE A 254 6.41 5.93 -12.72
N LEU A 255 7.41 6.06 -13.60
CA LEU A 255 7.46 5.36 -14.92
C LEU A 255 7.92 3.91 -14.73
N GLU A 256 8.72 3.63 -13.70
CA GLU A 256 9.30 2.27 -13.48
C GLU A 256 8.23 1.33 -12.89
N VAL A 257 7.24 1.83 -12.13
CA VAL A 257 6.17 0.97 -11.54
C VAL A 257 4.85 1.14 -12.32
N PHE A 258 4.73 2.17 -13.16
CA PHE A 258 3.48 2.59 -13.84
C PHE A 258 2.42 2.94 -12.79
N GLU B 1 13.31 -0.98 -17.75
CA GLU B 1 14.67 -1.42 -17.29
C GLU B 1 14.72 -1.61 -15.77
N ASN B 2 13.87 -0.89 -15.02
CA ASN B 2 13.77 -0.96 -13.54
C ASN B 2 15.15 -0.67 -12.93
N ALA B 3 15.94 0.19 -13.60
CA ALA B 3 17.36 0.47 -13.30
C ALA B 3 17.47 1.18 -11.94
N LEU B 4 16.64 2.19 -11.72
CA LEU B 4 16.57 2.95 -10.44
C LEU B 4 15.97 2.05 -9.36
N LEU B 5 15.05 1.15 -9.73
CA LEU B 5 14.39 0.22 -8.80
C LEU B 5 15.38 -0.85 -8.32
N ARG B 6 16.19 -1.42 -9.21
CA ARG B 6 17.33 -2.28 -8.82
C ARG B 6 18.20 -1.50 -7.84
N TYR B 7 18.68 -0.31 -8.25
CA TYR B 7 19.55 0.56 -7.41
C TYR B 7 18.98 0.59 -6.00
N LEU B 8 17.72 1.02 -5.89
CA LEU B 8 16.98 1.17 -4.61
C LEU B 8 16.93 -0.17 -3.86
N LEU B 9 16.71 -1.27 -4.59
CA LEU B 9 16.52 -2.62 -4.01
C LEU B 9 17.86 -3.23 -3.58
N ASP B 10 18.91 -3.11 -4.40
CA ASP B 10 20.26 -3.69 -4.13
C ASP B 10 21.11 -2.67 -3.37
N LYS B 11 20.48 -1.94 -2.42
CA LYS B 11 21.07 -0.83 -1.64
C LYS B 11 21.62 0.24 -2.59
C11 9IF C . 0.77 9.01 -0.72
C13 9IF C . 1.04 7.48 2.08
C14 9IF C . -0.91 9.69 -9.23
C16 9IF C . -2.21 9.25 -11.19
C17 9IF C . -1.96 7.90 -11.03
C18 9IF C . -1.18 7.44 -9.99
C19 9IF C . -0.64 8.35 -9.07
C21 9IF C . -4.06 5.47 -11.01
C22 9IF C . -4.37 4.16 -10.64
C23 9IF C . -3.47 3.14 -10.85
C24 9IF C . -2.25 3.42 -11.42
C25 9IF C . -1.92 4.70 -11.79
C1 9IF C . -2.87 7.22 -3.53
C2 9IF C . -0.89 8.47 -3.95
O1 9IF C . 1.74 9.60 -0.23
C3 9IF C . -0.32 9.42 -4.85
C4 9IF C . -0.71 9.54 -6.22
N1 9IF C . -0.52 8.37 -2.67
C5 9IF C . -0.12 10.46 -7.01
C6 9IF C . 0.87 11.33 -6.53
N2 9IF C . -0.04 8.20 -0.03
C7 9IF C . 1.26 11.24 -5.23
C8 9IF C . 0.67 10.29 -4.36
C9 9IF C . 1.05 10.17 -2.98
C10 9IF C . 0.43 9.18 -2.17
C12 9IF C . -0.10 8.21 1.41
O2 9IF C . 1.31 7.79 3.26
C15 9IF C . -1.68 10.15 -10.28
C20 9IF C . -2.83 5.71 -11.58
O3 9IF C . 1.64 6.61 1.42
O6 9IF C . -1.84 7.65 -4.44
O4 9IF C . 2.01 10.98 -2.49
O5 9IF C . -0.41 10.67 -8.36
O7 9IF C . -2.49 7.01 -11.96
#